data_2JCP
#
_entry.id   2JCP
#
_cell.length_a   30.726
_cell.length_b   82.097
_cell.length_c   32.336
_cell.angle_alpha   90.00
_cell.angle_beta   117.92
_cell.angle_gamma   90.00
#
_symmetry.space_group_name_H-M   'P 1 21 1'
#
loop_
_entity.id
_entity.type
_entity.pdbx_description
1 polymer 'CD44 ANTIGEN'
2 water water
#
_entity_poly.entity_id   1
_entity_poly.type   'polypeptide(L)'
_entity_poly.pdbx_seq_one_letter_code
;MQQIDLNVTCRYAGVFHVEKNGRYSISRTEAADLCQAFNSTLPTMDQMKLALSKGFETCRYGFIEGNVVIPRIHPNAICA
ANHTGVYILVTSNTSHYDTYCFNASAPPEEDCTSVTDLPNSFDGPVTITIVNRDGTRYSKKGEYRTHQEDIDAS
;
_entity_poly.pdbx_strand_id   A
#
# COMPACT_ATOMS: atom_id res chain seq x y z
N GLN A 2 -6.01 -10.39 18.34
CA GLN A 2 -5.94 -9.21 17.43
C GLN A 2 -5.93 -9.72 15.98
N GLN A 3 -6.66 -9.05 15.10
CA GLN A 3 -6.69 -9.39 13.67
C GLN A 3 -6.58 -8.15 12.78
N ILE A 4 -5.68 -8.21 11.80
CA ILE A 4 -5.52 -7.12 10.82
C ILE A 4 -5.56 -7.72 9.42
N ASP A 5 -6.41 -7.16 8.56
CA ASP A 5 -6.46 -7.57 7.16
C ASP A 5 -5.83 -6.50 6.28
N LEU A 6 -4.98 -6.95 5.35
CA LEU A 6 -4.27 -6.06 4.46
C LEU A 6 -4.61 -6.45 3.04
N ASN A 7 -5.42 -5.63 2.37
CA ASN A 7 -5.74 -5.89 0.98
C ASN A 7 -4.66 -5.26 0.10
N VAL A 8 -4.07 -6.05 -0.78
CA VAL A 8 -2.98 -5.58 -1.64
C VAL A 8 -3.36 -5.64 -3.12
N THR A 9 -2.81 -4.72 -3.89
CA THR A 9 -2.98 -4.71 -5.33
C THR A 9 -1.83 -5.41 -6.04
N CYS A 10 -2.00 -5.60 -7.35
CA CYS A 10 -0.87 -5.87 -8.23
C CYS A 10 0.25 -4.84 -8.01
N ARG A 11 1.49 -5.24 -8.30
CA ARG A 11 2.62 -4.30 -8.33
C ARG A 11 2.83 -3.78 -9.73
N TYR A 12 3.19 -2.50 -9.82
CA TYR A 12 3.54 -1.87 -11.09
C TYR A 12 4.89 -1.24 -10.92
N ALA A 13 5.90 -1.76 -11.59
CA ALA A 13 7.27 -1.30 -11.34
C ALA A 13 7.56 -1.28 -9.83
N GLY A 14 7.09 -2.32 -9.13
CA GLY A 14 7.34 -2.48 -7.71
C GLY A 14 6.39 -1.76 -6.75
N VAL A 15 5.55 -0.87 -7.27
CA VAL A 15 4.67 -0.06 -6.42
C VAL A 15 3.32 -0.75 -6.31
N PHE A 16 2.81 -0.82 -5.09
CA PHE A 16 1.49 -1.39 -4.84
C PHE A 16 0.76 -0.60 -3.77
N HIS A 17 -0.56 -0.85 -3.68
CA HIS A 17 -1.45 -0.19 -2.73
C HIS A 17 -1.86 -1.22 -1.66
N VAL A 18 -1.91 -0.73 -0.43
CA VAL A 18 -2.34 -1.55 0.71
C VAL A 18 -3.45 -0.79 1.47
N GLU A 19 -4.60 -1.44 1.63
CA GLU A 19 -5.72 -0.94 2.42
C GLU A 19 -5.85 -1.83 3.66
N LYS A 20 -5.89 -1.21 4.83
CA LYS A 20 -6.03 -1.93 6.09
C LYS A 20 -7.47 -1.96 6.56
N ASN A 21 -7.98 -3.16 6.79
CA ASN A 21 -9.31 -3.37 7.41
C ASN A 21 -10.47 -2.69 6.69
N GLY A 22 -10.34 -2.54 5.38
CA GLY A 22 -11.43 -2.04 4.56
C GLY A 22 -11.84 -0.61 4.84
N ARG A 23 -10.94 0.19 5.42
CA ARG A 23 -11.24 1.59 5.68
C ARG A 23 -9.94 2.37 5.76
N TYR A 24 -10.03 3.69 5.55
CA TYR A 24 -8.87 4.56 5.73
C TYR A 24 -8.45 4.48 7.19
N SER A 25 -7.27 3.93 7.49
CA SER A 25 -6.95 3.65 8.89
C SER A 25 -5.47 3.57 9.19
N ILE A 26 -4.64 4.06 8.27
CA ILE A 26 -3.21 3.96 8.43
C ILE A 26 -2.62 5.36 8.65
N SER A 27 -1.88 5.53 9.73
CA SER A 27 -1.14 6.77 10.01
C SER A 27 0.14 6.81 9.19
N ARG A 28 0.78 7.96 9.10
CA ARG A 28 2.05 8.07 8.40
C ARG A 28 3.11 7.11 8.99
N THR A 29 3.20 7.03 10.32
CA THR A 29 4.19 6.15 10.92
C THR A 29 3.83 4.67 10.73
N GLU A 30 2.54 4.33 10.80
CA GLU A 30 2.16 2.95 10.52
C GLU A 30 2.45 2.55 9.08
N ALA A 31 2.26 3.51 8.16
CA ALA A 31 2.49 3.26 6.73
C ALA A 31 3.94 2.84 6.50
N ALA A 32 4.88 3.60 7.06
CA ALA A 32 6.30 3.25 6.89
C ALA A 32 6.62 1.87 7.47
N ASP A 33 6.06 1.58 8.64
CA ASP A 33 6.31 0.30 9.30
C ASP A 33 5.68 -0.85 8.51
N LEU A 34 4.50 -0.61 7.95
CA LEU A 34 3.82 -1.60 7.15
C LEU A 34 4.65 -1.92 5.90
N CYS A 35 5.08 -0.88 5.16
CA CYS A 35 5.93 -1.15 4.00
C CYS A 35 7.19 -1.93 4.39
N GLN A 36 7.80 -1.58 5.51
N GLN A 36 7.80 -1.57 5.52
CA GLN A 36 9.01 -2.28 5.96
CA GLN A 36 8.99 -2.26 6.02
C GLN A 36 8.74 -3.78 6.16
C GLN A 36 8.75 -3.75 6.21
N ALA A 37 7.55 -4.11 6.68
CA ALA A 37 7.16 -5.51 6.86
C ALA A 37 7.10 -6.28 5.54
N PHE A 38 6.82 -5.55 4.45
CA PHE A 38 6.83 -6.10 3.10
C PHE A 38 8.23 -5.97 2.44
N ASN A 39 9.26 -5.69 3.23
N ASN A 39 9.28 -5.76 3.23
CA ASN A 39 10.60 -5.45 2.68
CA ASN A 39 10.61 -5.46 2.68
C ASN A 39 10.59 -4.32 1.64
C ASN A 39 10.49 -4.39 1.58
N SER A 40 9.74 -3.34 1.89
CA SER A 40 9.44 -2.28 0.97
C SER A 40 9.59 -0.93 1.66
N THR A 41 9.46 0.13 0.88
CA THR A 41 9.56 1.49 1.40
C THR A 41 8.39 2.32 0.88
N LEU A 42 8.13 3.47 1.49
CA LEU A 42 7.16 4.38 0.89
C LEU A 42 7.72 4.86 -0.45
N PRO A 43 6.91 4.81 -1.52
CA PRO A 43 7.45 5.20 -2.83
C PRO A 43 7.87 6.65 -2.86
N THR A 44 8.90 6.94 -3.64
CA THR A 44 9.16 8.32 -4.02
C THR A 44 8.14 8.73 -5.09
N MET A 45 7.99 10.04 -5.31
N MET A 45 8.01 10.04 -5.30
CA MET A 45 7.11 10.49 -6.38
CA MET A 45 7.16 10.56 -6.34
C MET A 45 7.57 9.95 -7.73
C MET A 45 7.58 10.02 -7.71
N ASP A 46 8.89 9.97 -7.98
CA ASP A 46 9.41 9.41 -9.24
C ASP A 46 9.02 7.93 -9.40
N GLN A 47 9.14 7.14 -8.34
CA GLN A 47 8.75 5.73 -8.42
C GLN A 47 7.27 5.59 -8.74
N MET A 48 6.44 6.41 -8.09
N MET A 48 6.44 6.41 -8.07
CA MET A 48 5.01 6.37 -8.32
CA MET A 48 5.02 6.39 -8.33
C MET A 48 4.64 6.81 -9.74
C MET A 48 4.70 6.75 -9.78
N LYS A 49 5.34 7.81 -10.30
CA LYS A 49 5.09 8.21 -11.69
C LYS A 49 5.43 7.09 -12.66
N LEU A 50 6.52 6.35 -12.42
CA LEU A 50 6.82 5.24 -13.31
C LEU A 50 5.76 4.13 -13.20
N ALA A 51 5.34 3.83 -11.98
CA ALA A 51 4.26 2.85 -11.77
C ALA A 51 2.99 3.25 -12.54
N LEU A 52 2.58 4.50 -12.42
CA LEU A 52 1.45 5.03 -13.17
C LEU A 52 1.62 4.76 -14.68
N SER A 53 2.82 5.02 -15.19
CA SER A 53 3.06 4.85 -16.63
C SER A 53 2.96 3.39 -17.06
N LYS A 54 3.11 2.46 -16.12
CA LYS A 54 3.03 1.02 -16.42
C LYS A 54 1.62 0.47 -16.20
N GLY A 55 0.66 1.32 -15.85
CA GLY A 55 -0.72 0.85 -15.70
C GLY A 55 -1.34 0.96 -14.31
N PHE A 56 -0.62 1.54 -13.35
CA PHE A 56 -1.15 1.63 -11.97
C PHE A 56 -2.15 2.77 -11.79
N GLU A 57 -3.36 2.42 -11.33
CA GLU A 57 -4.29 3.45 -10.85
C GLU A 57 -5.11 2.85 -9.71
N THR A 58 -5.52 3.71 -8.78
CA THR A 58 -6.46 3.30 -7.72
C THR A 58 -7.50 4.40 -7.57
N CYS A 59 -8.47 4.18 -6.70
CA CYS A 59 -9.39 5.24 -6.36
C CYS A 59 -9.34 5.50 -4.87
N ARG A 60 -8.14 5.43 -4.28
CA ARG A 60 -7.95 5.57 -2.84
C ARG A 60 -6.73 6.43 -2.52
N TYR A 61 -6.88 7.35 -1.57
CA TYR A 61 -5.75 8.11 -1.04
C TYR A 61 -4.79 7.21 -0.30
N GLY A 62 -3.49 7.40 -0.54
CA GLY A 62 -2.49 6.65 0.20
C GLY A 62 -1.18 7.40 0.31
N PHE A 63 -0.47 7.14 1.40
CA PHE A 63 0.86 7.73 1.59
C PHE A 63 1.86 7.28 0.54
N ILE A 64 2.64 8.25 0.06
CA ILE A 64 3.97 7.98 -0.50
C ILE A 64 4.95 8.73 0.40
N GLU A 65 6.22 8.81 0.04
CA GLU A 65 7.16 9.60 0.83
C GLU A 65 6.82 11.05 0.62
N GLY A 66 6.35 11.72 1.65
CA GLY A 66 6.15 13.17 1.62
C GLY A 66 4.76 13.66 1.31
N ASN A 67 3.91 12.86 0.67
CA ASN A 67 2.58 13.30 0.27
C ASN A 67 1.59 12.16 0.35
N VAL A 68 0.32 12.51 0.18
CA VAL A 68 -0.77 11.56 0.09
C VAL A 68 -1.34 11.73 -1.32
N VAL A 69 -1.50 10.61 -2.04
CA VAL A 69 -1.78 10.69 -3.49
C VAL A 69 -2.80 9.65 -3.94
N ILE A 70 -3.30 9.85 -5.16
CA ILE A 70 -4.04 8.83 -5.90
C ILE A 70 -3.51 8.79 -7.32
N PRO A 71 -2.92 7.66 -7.76
CA PRO A 71 -2.54 7.57 -9.17
C PRO A 71 -3.78 7.32 -10.03
N ARG A 72 -3.94 8.13 -11.08
CA ARG A 72 -5.09 8.00 -11.97
C ARG A 72 -4.66 7.94 -13.43
N ILE A 73 -5.19 6.95 -14.14
CA ILE A 73 -5.01 6.87 -15.58
C ILE A 73 -6.25 7.40 -16.28
N HIS A 74 -7.43 6.90 -15.91
CA HIS A 74 -8.68 7.29 -16.56
C HIS A 74 -9.43 8.31 -15.73
N PRO A 75 -9.92 9.38 -16.37
CA PRO A 75 -10.68 10.34 -15.56
C PRO A 75 -11.99 9.72 -15.08
N ASN A 76 -12.25 9.82 -13.79
CA ASN A 76 -13.47 9.33 -13.19
C ASN A 76 -13.92 10.37 -12.18
N ALA A 77 -15.17 10.79 -12.27
CA ALA A 77 -15.67 11.90 -11.46
C ALA A 77 -15.57 11.65 -9.96
N ILE A 78 -15.67 10.39 -9.54
CA ILE A 78 -15.63 10.04 -8.12
C ILE A 78 -14.24 9.63 -7.62
N CYS A 79 -13.22 9.76 -8.47
CA CYS A 79 -11.85 9.45 -8.09
C CYS A 79 -10.96 10.63 -8.37
N ALA A 80 -10.43 11.24 -7.31
CA ALA A 80 -9.48 12.34 -7.44
C ALA A 80 -10.05 13.51 -8.24
N ALA A 81 -11.34 13.78 -8.04
CA ALA A 81 -12.03 14.88 -8.71
C ALA A 81 -11.78 14.93 -10.22
N ASN A 82 -11.81 13.76 -10.86
CA ASN A 82 -11.71 13.60 -12.33
C ASN A 82 -10.31 13.82 -12.93
N HIS A 83 -9.30 13.95 -12.07
CA HIS A 83 -7.95 14.19 -12.55
C HIS A 83 -7.30 12.94 -13.08
N THR A 84 -6.27 13.14 -13.89
CA THR A 84 -5.35 12.06 -14.30
C THR A 84 -3.95 12.42 -13.82
N GLY A 85 -3.06 11.43 -13.85
CA GLY A 85 -1.70 11.61 -13.36
C GLY A 85 -1.66 11.23 -11.88
N VAL A 86 -0.54 11.53 -11.23
CA VAL A 86 -0.46 11.30 -9.79
C VAL A 86 -1.14 12.50 -9.12
N TYR A 87 -2.35 12.29 -8.62
CA TYR A 87 -3.09 13.36 -7.98
C TYR A 87 -2.62 13.53 -6.55
N ILE A 88 -2.26 14.74 -6.18
CA ILE A 88 -1.74 15.02 -4.84
C ILE A 88 -2.81 15.66 -3.99
N LEU A 89 -3.10 15.02 -2.85
CA LEU A 89 -4.03 15.61 -1.90
C LEU A 89 -3.46 16.92 -1.36
N VAL A 90 -4.23 17.99 -1.47
CA VAL A 90 -3.80 19.32 -1.03
C VAL A 90 -4.37 19.66 0.35
N THR A 91 -5.68 19.51 0.53
CA THR A 91 -6.34 20.00 1.74
C THR A 91 -7.18 18.91 2.37
N SER A 92 -6.86 18.55 3.61
CA SER A 92 -7.67 17.60 4.36
C SER A 92 -7.53 17.93 5.83
N ASN A 93 -8.60 17.73 6.58
CA ASN A 93 -8.51 17.89 8.04
C ASN A 93 -7.74 16.74 8.72
N THR A 94 -7.70 15.57 8.08
CA THR A 94 -7.50 14.29 8.78
C THR A 94 -6.19 13.63 8.36
N SER A 95 -5.79 12.62 9.13
CA SER A 95 -4.43 12.10 9.08
C SER A 95 -4.26 10.64 8.66
N HIS A 96 -5.36 9.92 8.48
CA HIS A 96 -5.30 8.47 8.25
C HIS A 96 -5.77 8.08 6.88
N TYR A 97 -4.93 7.34 6.15
CA TYR A 97 -5.22 7.03 4.76
C TYR A 97 -4.90 5.56 4.53
N ASP A 98 -4.83 5.12 3.27
CA ASP A 98 -4.21 3.84 2.96
C ASP A 98 -2.71 4.11 2.79
N THR A 99 -1.95 3.14 2.31
CA THR A 99 -0.58 3.41 1.94
C THR A 99 -0.21 2.80 0.60
N TYR A 100 0.78 3.40 -0.04
CA TYR A 100 1.50 2.73 -1.13
C TYR A 100 2.82 2.23 -0.59
N CYS A 101 3.35 1.19 -1.23
CA CYS A 101 4.67 0.64 -0.87
C CYS A 101 5.42 0.34 -2.15
N PHE A 102 6.74 0.31 -2.04
CA PHE A 102 7.60 0.05 -3.17
C PHE A 102 8.59 -1.08 -2.83
N ASN A 103 8.53 -2.16 -3.61
CA ASN A 103 9.41 -3.30 -3.46
C ASN A 103 10.37 -3.35 -4.65
N ALA A 104 11.64 -3.07 -4.41
CA ALA A 104 12.63 -2.97 -5.47
C ALA A 104 12.86 -4.29 -6.19
N SER A 105 12.54 -5.41 -5.52
CA SER A 105 12.79 -6.74 -6.08
C SER A 105 11.65 -7.30 -6.93
N ALA A 106 10.56 -6.54 -7.03
CA ALA A 106 9.41 -6.93 -7.84
C ALA A 106 9.77 -6.84 -9.32
N PRO A 107 8.95 -7.45 -10.21
CA PRO A 107 9.19 -7.31 -11.64
C PRO A 107 9.09 -5.86 -12.12
N PRO A 108 9.68 -5.55 -13.29
CA PRO A 108 9.71 -4.16 -13.73
C PRO A 108 8.37 -3.58 -14.21
N GLU A 109 7.44 -4.42 -14.65
CA GLU A 109 6.17 -3.93 -15.19
C GLU A 109 5.02 -4.33 -14.28
N GLU A 110 3.93 -4.86 -14.83
CA GLU A 110 2.79 -5.26 -14.03
C GLU A 110 3.00 -6.66 -13.52
N ASP A 111 2.82 -6.84 -12.21
CA ASP A 111 2.86 -8.14 -11.57
C ASP A 111 1.57 -8.36 -10.78
N CYS A 112 0.69 -9.20 -11.31
CA CYS A 112 -0.59 -9.51 -10.65
C CYS A 112 -0.59 -10.90 -10.01
N THR A 113 0.59 -11.47 -9.80
CA THR A 113 0.69 -12.69 -9.03
C THR A 113 0.38 -12.36 -7.57
N SER A 114 -0.01 -13.39 -6.81
N SER A 114 -0.03 -13.38 -6.81
CA SER A 114 -0.41 -13.19 -5.44
CA SER A 114 -0.46 -13.17 -5.45
C SER A 114 0.77 -12.91 -4.53
C SER A 114 0.71 -12.96 -4.51
N VAL A 115 0.51 -12.11 -3.51
CA VAL A 115 1.47 -11.87 -2.45
C VAL A 115 1.18 -12.90 -1.38
N THR A 116 2.22 -13.65 -0.99
CA THR A 116 2.11 -14.89 -0.23
C THR A 116 2.98 -14.86 1.04
N ASP A 117 3.52 -13.68 1.37
CA ASP A 117 4.31 -13.52 2.60
C ASP A 117 4.47 -12.07 3.01
N LEU A 118 4.79 -11.89 4.29
CA LEU A 118 5.07 -10.61 4.88
C LEU A 118 6.45 -10.81 5.52
N PRO A 119 7.51 -10.75 4.69
CA PRO A 119 8.81 -11.35 5.06
C PRO A 119 9.53 -10.70 6.24
N ASN A 120 9.18 -9.47 6.54
N ASN A 120 9.24 -9.43 6.50
CA ASN A 120 9.90 -8.71 7.54
CA ASN A 120 9.93 -8.66 7.55
C ASN A 120 9.01 -8.25 8.71
C ASN A 120 9.08 -8.35 8.79
N SER A 121 7.90 -8.95 8.92
CA SER A 121 7.13 -8.77 10.17
C SER A 121 7.91 -9.39 11.33
N PHE A 122 7.61 -8.92 12.52
CA PHE A 122 8.32 -9.41 13.69
C PHE A 122 7.42 -10.20 14.63
N ASP A 123 7.99 -10.81 15.64
CA ASP A 123 7.23 -11.58 16.61
C ASP A 123 6.13 -10.72 17.21
N GLY A 124 4.94 -11.29 17.37
CA GLY A 124 3.83 -10.54 17.95
C GLY A 124 2.56 -11.37 17.99
N PRO A 125 1.50 -10.81 18.59
CA PRO A 125 0.27 -11.53 18.87
C PRO A 125 -0.85 -11.40 17.82
N VAL A 126 -0.65 -10.60 16.78
CA VAL A 126 -1.72 -10.26 15.85
C VAL A 126 -1.80 -11.27 14.71
N THR A 127 -3.02 -11.69 14.35
CA THR A 127 -3.19 -12.49 13.14
C THR A 127 -3.29 -11.51 11.97
N ILE A 128 -2.25 -11.50 11.15
CA ILE A 128 -2.17 -10.58 10.02
C ILE A 128 -2.50 -11.37 8.76
N THR A 129 -3.49 -10.91 8.01
CA THR A 129 -3.90 -11.63 6.80
C THR A 129 -3.73 -10.74 5.58
N ILE A 130 -2.96 -11.24 4.61
N ILE A 130 -2.90 -11.18 4.63
CA ILE A 130 -2.77 -10.58 3.31
CA ILE A 130 -2.77 -10.55 3.33
C ILE A 130 -3.84 -11.10 2.35
C ILE A 130 -3.91 -11.08 2.46
N VAL A 131 -4.64 -10.18 1.83
CA VAL A 131 -5.76 -10.51 0.95
C VAL A 131 -5.48 -9.94 -0.45
N ASN A 132 -5.38 -10.83 -1.42
CA ASN A 132 -5.15 -10.44 -2.81
C ASN A 132 -6.48 -10.17 -3.47
N ARG A 133 -6.47 -9.43 -4.57
CA ARG A 133 -7.73 -9.09 -5.21
C ARG A 133 -8.49 -10.32 -5.72
N ASP A 134 -7.76 -11.38 -6.09
CA ASP A 134 -8.38 -12.64 -6.52
C ASP A 134 -8.86 -13.50 -5.36
N GLY A 135 -8.72 -12.99 -4.14
CA GLY A 135 -9.25 -13.65 -2.95
C GLY A 135 -8.24 -14.55 -2.24
N THR A 136 -7.13 -14.85 -2.89
N THR A 136 -7.13 -14.84 -2.91
CA THR A 136 -6.16 -15.71 -2.23
CA THR A 136 -6.03 -15.61 -2.31
C THR A 136 -5.55 -14.99 -1.05
C THR A 136 -5.59 -14.94 -1.01
N ARG A 137 -5.43 -15.74 0.05
CA ARG A 137 -5.04 -15.21 1.36
C ARG A 137 -3.86 -15.90 1.94
N TYR A 138 -3.06 -15.14 2.68
N TYR A 138 -3.12 -15.17 2.77
CA TYR A 138 -1.97 -15.67 3.48
CA TYR A 138 -1.94 -15.68 3.47
C TYR A 138 -2.10 -15.03 4.85
C TYR A 138 -1.87 -15.02 4.85
N SER A 139 -1.90 -15.83 5.90
CA SER A 139 -1.97 -15.32 7.27
C SER A 139 -0.75 -15.75 8.05
N LYS A 140 -0.33 -14.90 8.99
CA LYS A 140 0.71 -15.26 9.95
C LYS A 140 0.45 -14.47 11.23
N LYS A 141 0.96 -14.99 12.33
CA LYS A 141 0.89 -14.31 13.61
C LYS A 141 2.14 -13.46 13.75
N GLY A 142 1.96 -12.19 14.08
CA GLY A 142 3.11 -11.31 14.21
C GLY A 142 2.70 -9.89 14.58
N GLU A 143 3.59 -8.96 14.27
CA GLU A 143 3.34 -7.54 14.45
C GLU A 143 4.22 -6.80 13.47
N TYR A 144 3.81 -5.59 13.08
CA TYR A 144 4.68 -4.75 12.26
C TYR A 144 4.76 -3.31 12.77
N ARG A 145 3.86 -2.93 13.66
CA ARG A 145 3.80 -1.54 14.17
C ARG A 145 4.83 -1.32 15.26
N THR A 146 5.70 -0.34 15.07
CA THR A 146 6.77 -0.07 16.03
C THR A 146 6.47 1.12 16.93
N HIS A 147 5.42 1.87 16.61
CA HIS A 147 5.02 3.04 17.40
C HIS A 147 3.81 2.68 18.26
N GLN A 148 3.95 2.78 19.58
CA GLN A 148 2.86 2.45 20.50
C GLN A 148 1.58 3.20 20.19
N GLU A 149 1.73 4.44 19.75
CA GLU A 149 0.60 5.30 19.44
C GLU A 149 -0.24 4.74 18.30
N ASP A 150 0.35 3.90 17.46
CA ASP A 150 -0.38 3.22 16.39
C ASP A 150 -1.09 1.96 16.88
N ILE A 151 -0.64 1.40 18.00
CA ILE A 151 -1.22 0.18 18.53
C ILE A 151 -2.32 0.46 19.53
#